data_4Z9J
#
_entry.id   4Z9J
#
_cell.length_a   60.410
_cell.length_b   73.510
_cell.length_c   79.050
_cell.angle_alpha   90.00
_cell.angle_beta   90.00
_cell.angle_gamma   90.00
#
_symmetry.space_group_name_H-M   'P 21 21 21'
#
loop_
_entity.id
_entity.type
_entity.pdbx_description
1 polymer 'Methyl-accepting chemotaxis protein II'
2 water water
#
_entity_poly.entity_id   1
_entity_poly.type   'polypeptide(L)'
_entity_poly.pdbx_seq_one_letter_code
;MGSSHHHHHHSSGLVPRGSHMASDDDDKGSLFFSSLHHSQKSFVVSNQLREQQGELTSTWDLMLQTRINLSRSAVRMMMD
SSNQQSNAKVELLDSARKTLAQAATHYKKFKSMAPLPEMVATSRNIDEKYKNYYTALTELIDYLDYGNTGAYFAQPTQGM
QNAMGEAFAQYALSSEKLYRDIVTDNADDYRFAQWQ
;
_entity_poly.pdbx_strand_id   A,B
#
# COMPACT_ATOMS: atom_id res chain seq x y z
N SER A 39 -35.50 3.42 -5.37
CA SER A 39 -34.41 3.68 -4.37
C SER A 39 -33.16 4.26 -5.16
N GLN A 40 -31.87 4.09 -4.78
CA GLN A 40 -31.36 3.20 -3.72
C GLN A 40 -30.35 3.84 -2.75
N LYS A 41 -30.82 3.92 -1.51
CA LYS A 41 -30.10 4.42 -0.34
C LYS A 41 -29.17 3.39 0.18
N SER A 42 -29.53 2.11 -0.02
CA SER A 42 -28.66 1.01 0.35
C SER A 42 -27.35 1.18 -0.41
N PHE A 43 -27.47 1.59 -1.68
CA PHE A 43 -26.33 1.79 -2.57
C PHE A 43 -25.47 2.94 -2.09
N VAL A 44 -26.11 4.02 -1.65
CA VAL A 44 -25.34 5.15 -1.09
C VAL A 44 -24.46 4.70 0.08
N VAL A 45 -25.01 3.87 0.93
CA VAL A 45 -24.29 3.42 2.13
C VAL A 45 -23.20 2.45 1.75
N SER A 46 -23.53 1.45 0.91
CA SER A 46 -22.50 0.45 0.60
C SER A 46 -21.38 1.12 -0.20
N ASN A 47 -21.71 2.03 -1.13
CA ASN A 47 -20.75 2.71 -1.92
C ASN A 47 -19.84 3.56 -1.02
N GLN A 48 -20.43 4.14 0.04
CA GLN A 48 -19.66 4.91 1.03
C GLN A 48 -18.60 4.08 1.71
N LEU A 49 -18.97 2.87 2.18
CA LEU A 49 -18.00 1.95 2.78
C LEU A 49 -16.85 1.67 1.84
N ARG A 50 -17.14 1.43 0.56
CA ARG A 50 -16.08 1.17 -0.38
C ARG A 50 -15.23 2.39 -0.59
N GLU A 51 -15.83 3.57 -0.67
CA GLU A 51 -15.03 4.79 -0.88
C GLU A 51 -14.17 5.05 0.34
N GLN A 52 -14.68 4.83 1.54
CA GLN A 52 -13.91 5.01 2.73
C GLN A 52 -12.72 4.05 2.74
N GLN A 53 -12.96 2.77 2.36
CA GLN A 53 -11.84 1.84 2.32
C GLN A 53 -10.82 2.28 1.30
N GLY A 54 -11.28 2.75 0.12
CA GLY A 54 -10.37 3.26 -0.88
C GLY A 54 -9.52 4.43 -0.43
N GLU A 55 -10.09 5.37 0.33
CA GLU A 55 -9.23 6.48 0.84
C GLU A 55 -8.24 6.02 1.89
N LEU A 56 -8.64 5.12 2.77
CA LEU A 56 -7.67 4.59 3.70
C LEU A 56 -6.56 3.78 2.97
N THR A 57 -6.91 2.98 1.98
CA THR A 57 -5.89 2.29 1.17
C THR A 57 -4.88 3.28 0.60
N SER A 58 -5.37 4.37 0.03
CA SER A 58 -4.51 5.48 -0.57
C SER A 58 -3.64 6.13 0.47
N THR A 59 -4.22 6.37 1.66
CA THR A 59 -3.48 6.94 2.77
C THR A 59 -2.32 6.03 3.12
N TRP A 60 -2.60 4.73 3.29
CA TRP A 60 -1.54 3.77 3.72
C TRP A 60 -0.45 3.65 2.70
N ASP A 61 -0.87 3.58 1.44
CA ASP A 61 0.03 3.46 0.27
C ASP A 61 0.96 4.66 0.32
N LEU A 62 0.41 5.86 0.47
CA LEU A 62 1.22 7.02 0.41
C LEU A 62 2.12 7.25 1.64
N MET A 63 1.70 6.75 2.81
CA MET A 63 2.60 6.74 3.99
C MET A 63 3.80 5.82 3.70
N LEU A 64 3.53 4.67 3.11
CA LEU A 64 4.63 3.74 2.76
C LEU A 64 5.52 4.39 1.78
N GLN A 65 4.98 5.10 0.72
CA GLN A 65 5.87 5.77 -0.23
C GLN A 65 6.67 6.85 0.46
N THR A 66 6.07 7.53 1.47
CA THR A 66 6.84 8.50 2.26
C THR A 66 8.03 7.82 2.92
N ARG A 67 7.77 6.66 3.58
CA ARG A 67 8.81 5.94 4.23
C ARG A 67 9.92 5.55 3.22
N ILE A 68 9.53 5.07 2.04
CA ILE A 68 10.52 4.75 1.02
C ILE A 68 11.34 5.99 0.63
N ASN A 69 10.67 7.11 0.36
CA ASN A 69 11.37 8.28 -0.09
C ASN A 69 12.34 8.80 0.97
N LEU A 70 11.91 8.75 2.23
CA LEU A 70 12.78 9.11 3.35
C LEU A 70 14.04 8.22 3.39
N SER A 71 13.82 6.93 3.26
CA SER A 71 14.97 6.01 3.27
C SER A 71 15.91 6.23 2.06
N ARG A 72 15.33 6.50 0.88
CA ARG A 72 16.15 6.82 -0.32
C ARG A 72 16.97 8.10 -0.13
N SER A 73 16.39 9.09 0.57
CA SER A 73 17.09 10.30 0.92
C SER A 73 18.19 9.95 1.88
N ALA A 74 17.87 9.24 2.98
CA ALA A 74 18.87 8.91 4.00
C ALA A 74 20.08 8.16 3.41
N VAL A 75 19.83 7.22 2.52
CA VAL A 75 20.93 6.49 1.88
C VAL A 75 21.89 7.41 1.10
N ARG A 76 21.34 8.35 0.37
CA ARG A 76 22.16 9.34 -0.33
C ARG A 76 22.92 10.27 0.61
N MET A 77 22.35 10.54 1.75
CA MET A 77 23.04 11.32 2.72
C MET A 77 24.23 10.56 3.25
N MET A 78 24.28 9.27 3.01
CA MET A 78 25.47 8.49 3.40
C MET A 78 26.41 8.08 2.31
N MET A 79 25.98 8.14 1.06
CA MET A 79 26.92 8.04 -0.03
C MET A 79 27.89 9.23 0.06
N ASP A 80 27.30 10.43 0.20
CA ASP A 80 27.98 11.75 0.23
C ASP A 80 29.26 11.91 -0.63
N SER A 81 29.79 13.14 -0.71
CA SER A 81 30.97 13.44 -1.54
C SER A 81 30.62 13.22 -3.02
N SER A 82 31.63 13.25 -3.90
CA SER A 82 31.46 13.12 -5.36
C SER A 82 30.22 12.31 -5.79
N ASN A 83 30.36 10.99 -5.85
CA ASN A 83 29.24 10.05 -6.06
C ASN A 83 28.37 10.20 -7.32
N GLN A 84 27.55 11.25 -7.36
CA GLN A 84 26.58 11.52 -8.45
C GLN A 84 25.20 11.14 -7.90
N GLN A 85 25.09 9.91 -7.40
CA GLN A 85 23.88 9.43 -6.70
C GLN A 85 23.43 10.34 -5.54
N SER A 86 24.40 10.78 -4.74
CA SER A 86 24.14 11.68 -3.57
C SER A 86 23.38 12.97 -3.87
N ASN A 87 23.46 13.50 -5.12
CA ASN A 87 22.93 14.86 -5.43
C ASN A 87 21.38 15.02 -5.31
N ALA A 88 20.71 13.88 -5.38
CA ALA A 88 19.30 13.73 -5.22
C ALA A 88 18.81 13.70 -3.75
N LYS A 89 19.71 13.75 -2.78
CA LYS A 89 19.25 13.61 -1.39
C LYS A 89 18.13 14.64 -1.00
N VAL A 90 18.24 15.90 -1.40
CA VAL A 90 17.21 16.85 -1.08
C VAL A 90 15.94 16.66 -1.90
N GLU A 91 16.07 16.37 -3.19
CA GLU A 91 14.91 16.04 -4.08
C GLU A 91 14.06 14.90 -3.52
N LEU A 92 14.75 13.91 -2.98
CA LEU A 92 14.05 12.71 -2.46
C LEU A 92 13.31 13.10 -1.18
N LEU A 93 13.91 13.98 -0.37
CA LEU A 93 13.24 14.42 0.88
C LEU A 93 12.05 15.26 0.51
N ASP A 94 12.17 16.08 -0.53
CA ASP A 94 11.01 16.77 -1.00
C ASP A 94 9.93 15.84 -1.54
N SER A 95 10.32 14.78 -2.22
CA SER A 95 9.33 13.79 -2.70
C SER A 95 8.59 13.19 -1.48
N ALA A 96 9.32 12.94 -0.39
CA ALA A 96 8.71 12.44 0.85
C ALA A 96 7.67 13.44 1.42
N ARG A 97 7.98 14.72 1.45
CA ARG A 97 7.03 15.76 1.82
C ARG A 97 5.80 15.74 0.97
N LYS A 98 6.00 15.50 -0.34
CA LYS A 98 4.88 15.45 -1.27
C LYS A 98 3.92 14.28 -1.00
N THR A 99 4.48 13.10 -0.83
CA THR A 99 3.69 11.93 -0.62
C THR A 99 2.99 12.01 0.72
N LEU A 100 3.67 12.60 1.72
CA LEU A 100 3.01 12.63 3.03
C LEU A 100 1.83 13.61 2.97
N ALA A 101 2.02 14.67 2.23
CA ALA A 101 0.90 15.64 2.10
C ALA A 101 -0.24 14.99 1.34
N GLN A 102 0.06 14.17 0.33
CA GLN A 102 -0.99 13.48 -0.40
C GLN A 102 -1.69 12.50 0.51
N ALA A 103 -0.92 11.81 1.36
CA ALA A 103 -1.48 10.95 2.33
C ALA A 103 -2.51 11.66 3.25
N ALA A 104 -2.10 12.80 3.75
CA ALA A 104 -2.99 13.61 4.60
C ALA A 104 -4.25 14.05 3.92
N THR A 105 -4.17 14.23 2.63
CA THR A 105 -5.33 14.68 1.84
C THR A 105 -6.29 13.51 1.68
N HIS A 106 -5.76 12.32 1.39
CA HIS A 106 -6.60 11.18 1.36
C HIS A 106 -7.26 10.94 2.75
N TYR A 107 -6.51 11.09 3.81
CA TYR A 107 -7.10 10.92 5.13
C TYR A 107 -8.21 11.94 5.48
N LYS A 108 -7.98 13.15 5.05
CA LYS A 108 -9.04 14.18 5.16
C LYS A 108 -10.25 13.74 4.36
N LYS A 109 -10.07 13.23 3.15
CA LYS A 109 -11.21 12.71 2.36
C LYS A 109 -11.94 11.59 3.14
N PHE A 110 -11.16 10.65 3.68
CA PHE A 110 -11.74 9.63 4.54
C PHE A 110 -12.62 10.20 5.65
N LYS A 111 -12.08 11.17 6.39
CA LYS A 111 -12.78 11.82 7.47
C LYS A 111 -14.01 12.63 7.01
N SER A 112 -14.01 13.03 5.76
CA SER A 112 -15.17 13.74 5.14
C SER A 112 -16.40 12.85 5.04
N MET A 113 -16.22 11.51 5.03
CA MET A 113 -17.29 10.61 4.84
C MET A 113 -17.79 10.13 6.22
N ALA A 114 -19.04 10.43 6.57
CA ALA A 114 -19.60 10.10 7.83
C ALA A 114 -19.51 8.54 8.05
N PRO A 115 -19.10 8.12 9.22
CA PRO A 115 -19.03 6.66 9.46
C PRO A 115 -20.42 6.14 9.80
N LEU A 116 -20.60 4.85 9.59
CA LEU A 116 -21.70 4.17 10.23
C LEU A 116 -21.33 3.95 11.69
N PRO A 117 -22.37 3.86 12.57
CA PRO A 117 -22.02 3.67 14.01
C PRO A 117 -21.19 2.41 14.25
N GLU A 118 -21.47 1.36 13.48
CA GLU A 118 -20.73 0.10 13.58
C GLU A 118 -19.24 0.25 13.25
N MET A 119 -18.87 1.31 12.52
CA MET A 119 -17.48 1.59 12.17
C MET A 119 -16.78 2.62 13.01
N VAL A 120 -17.47 3.21 14.03
CA VAL A 120 -16.88 4.23 14.78
C VAL A 120 -15.63 3.84 15.59
N ALA A 121 -15.73 2.71 16.23
CA ALA A 121 -14.64 2.21 17.11
C ALA A 121 -13.36 2.01 16.28
N THR A 122 -13.52 1.32 15.19
CA THR A 122 -12.34 0.99 14.31
C THR A 122 -11.85 2.26 13.62
N SER A 123 -12.74 3.13 13.23
CA SER A 123 -12.29 4.50 12.81
C SER A 123 -11.46 5.31 13.81
N ARG A 124 -11.87 5.30 15.08
CA ARG A 124 -11.14 5.92 16.10
C ARG A 124 -9.73 5.27 16.30
N ASN A 125 -9.66 3.94 16.24
CA ASN A 125 -8.43 3.20 16.38
C ASN A 125 -7.48 3.59 15.18
N ILE A 126 -8.00 3.60 13.98
CA ILE A 126 -7.26 4.15 12.78
C ILE A 126 -6.73 5.56 13.03
N ASP A 127 -7.56 6.46 13.64
CA ASP A 127 -7.13 7.80 13.89
C ASP A 127 -5.94 7.86 14.82
N GLU A 128 -5.98 7.03 15.86
CA GLU A 128 -4.93 7.02 16.82
C GLU A 128 -3.59 6.62 16.15
N LYS A 129 -3.64 5.51 15.40
CA LYS A 129 -2.42 4.89 14.81
C LYS A 129 -1.92 5.80 13.68
N TYR A 130 -2.86 6.39 12.91
CA TYR A 130 -2.51 7.38 11.88
C TYR A 130 -1.81 8.57 12.46
N LYS A 131 -2.36 9.19 13.49
CA LYS A 131 -1.73 10.34 14.04
C LYS A 131 -0.32 10.05 14.56
N ASN A 132 -0.13 8.92 15.20
CA ASN A 132 1.21 8.54 15.70
C ASN A 132 2.21 8.32 14.52
N TYR A 133 1.81 7.58 13.51
CA TYR A 133 2.71 7.34 12.37
C TYR A 133 2.97 8.61 11.52
N TYR A 134 1.94 9.41 11.31
CA TYR A 134 2.08 10.66 10.58
C TYR A 134 3.08 11.54 11.32
N THR A 135 2.95 11.60 12.63
CA THR A 135 3.87 12.47 13.41
C THR A 135 5.28 11.92 13.34
N ALA A 136 5.40 10.61 13.39
CA ALA A 136 6.75 9.93 13.26
C ALA A 136 7.38 10.31 11.93
N LEU A 137 6.60 10.21 10.86
CA LEU A 137 7.16 10.56 9.55
C LEU A 137 7.55 12.00 9.46
N THR A 138 6.76 12.89 10.06
CA THR A 138 7.10 14.30 9.97
C THR A 138 8.40 14.59 10.72
N GLU A 139 8.58 13.87 11.81
CA GLU A 139 9.82 14.04 12.64
C GLU A 139 11.04 13.55 11.86
N LEU A 140 10.89 12.43 11.14
CA LEU A 140 11.98 11.94 10.23
C LEU A 140 12.32 13.00 9.20
N ILE A 141 11.31 13.65 8.61
CA ILE A 141 11.51 14.66 7.62
C ILE A 141 12.31 15.84 8.23
N ASP A 142 11.89 16.24 9.43
CA ASP A 142 12.52 17.34 10.06
C ASP A 142 13.98 17.05 10.42
N TYR A 143 14.32 15.79 10.77
CA TYR A 143 15.73 15.44 11.01
C TYR A 143 16.53 15.50 9.73
N LEU A 144 15.98 14.89 8.67
CA LEU A 144 16.74 14.92 7.40
C LEU A 144 16.81 16.27 6.80
N ASP A 145 15.89 17.13 7.16
CA ASP A 145 15.92 18.54 6.73
C ASP A 145 17.26 19.16 6.99
N TYR A 146 17.91 18.78 8.10
CA TYR A 146 19.22 19.27 8.49
C TYR A 146 20.31 18.22 8.35
N GLY A 147 20.04 17.11 7.73
CA GLY A 147 21.06 16.12 7.54
C GLY A 147 21.37 15.33 8.79
N ASN A 148 20.46 15.37 9.75
CA ASN A 148 20.61 14.72 11.02
C ASN A 148 20.28 13.22 10.92
N THR A 149 21.13 12.48 10.25
CA THR A 149 20.87 11.05 9.99
C THR A 149 20.92 10.22 11.26
N GLY A 150 21.69 10.66 12.26
CA GLY A 150 21.73 9.85 13.50
C GLY A 150 20.42 9.93 14.28
N ALA A 151 19.75 11.07 14.29
CA ALA A 151 18.47 11.20 14.95
C ALA A 151 17.43 10.41 14.15
N TYR A 152 17.49 10.60 12.84
CA TYR A 152 16.65 9.78 11.90
C TYR A 152 16.73 8.25 12.23
N PHE A 153 17.95 7.71 12.36
CA PHE A 153 18.11 6.27 12.59
C PHE A 153 17.64 5.92 13.97
N ALA A 154 17.90 6.81 14.93
CA ALA A 154 17.46 6.52 16.27
C ALA A 154 15.94 6.47 16.51
N GLN A 155 15.13 7.22 15.74
CA GLN A 155 13.71 7.26 15.99
C GLN A 155 13.16 5.87 15.73
N PRO A 156 12.31 5.31 16.60
CA PRO A 156 11.71 3.97 16.43
C PRO A 156 10.45 3.85 15.51
N THR A 157 10.69 4.06 14.28
CA THR A 157 9.65 4.27 13.30
C THR A 157 8.93 2.97 13.03
N GLN A 158 9.71 1.90 12.94
CA GLN A 158 9.08 0.66 12.51
C GLN A 158 7.89 0.21 13.32
N GLY A 159 7.87 0.34 14.66
CA GLY A 159 6.72 -0.10 15.45
C GLY A 159 5.38 0.67 15.19
N MET A 160 5.57 1.94 14.92
CA MET A 160 4.45 2.86 14.56
C MET A 160 3.92 2.49 13.20
N GLN A 161 4.82 2.21 12.26
CA GLN A 161 4.41 1.68 10.96
C GLN A 161 3.63 0.41 11.06
N ASN A 162 4.12 -0.56 11.86
CA ASN A 162 3.44 -1.79 12.03
C ASN A 162 2.06 -1.66 12.69
N ALA A 163 1.97 -0.81 13.68
CA ALA A 163 0.73 -0.52 14.38
C ALA A 163 -0.30 0.06 13.43
N MET A 164 0.14 1.01 12.60
CA MET A 164 -0.72 1.51 11.51
C MET A 164 -1.19 0.40 10.57
N GLY A 165 -0.27 -0.43 10.14
CA GLY A 165 -0.62 -1.50 9.30
C GLY A 165 -1.67 -2.44 9.90
N GLU A 166 -1.48 -2.78 11.17
CA GLU A 166 -2.43 -3.64 11.86
C GLU A 166 -3.83 -3.02 11.95
N ALA A 167 -3.85 -1.75 12.30
CA ALA A 167 -5.09 -0.97 12.37
C ALA A 167 -5.82 -0.92 11.05
N PHE A 168 -5.09 -0.73 9.94
CA PHE A 168 -5.67 -0.76 8.57
C PHE A 168 -6.26 -2.11 8.25
N ALA A 169 -5.54 -3.21 8.63
CA ALA A 169 -6.07 -4.56 8.50
C ALA A 169 -7.37 -4.77 9.24
N GLN A 170 -7.40 -4.33 10.46
CA GLN A 170 -8.57 -4.51 11.30
C GLN A 170 -9.74 -3.75 10.74
N TYR A 171 -9.45 -2.51 10.31
CA TYR A 171 -10.50 -1.70 9.63
C TYR A 171 -11.08 -2.43 8.44
N ALA A 172 -10.22 -2.94 7.57
CA ALA A 172 -10.61 -3.56 6.34
C ALA A 172 -11.50 -4.79 6.58
N LEU A 173 -11.19 -5.53 7.63
CA LEU A 173 -11.98 -6.74 7.96
C LEU A 173 -13.37 -6.35 8.46
N SER A 174 -13.42 -5.37 9.35
CA SER A 174 -14.69 -4.88 9.88
C SER A 174 -15.56 -4.29 8.79
N SER A 175 -14.94 -3.51 7.89
CA SER A 175 -15.68 -2.93 6.79
C SER A 175 -16.27 -4.00 5.89
N GLU A 176 -15.46 -5.00 5.52
CA GLU A 176 -15.92 -6.03 4.60
C GLU A 176 -17.07 -6.82 5.14
N LYS A 177 -16.99 -7.13 6.40
CA LYS A 177 -18.04 -7.85 7.11
C LYS A 177 -19.30 -7.06 7.17
N LEU A 178 -19.18 -5.77 7.53
CA LEU A 178 -20.30 -4.89 7.50
C LEU A 178 -20.88 -4.76 6.10
N TYR A 179 -20.05 -4.64 5.05
CA TYR A 179 -20.52 -4.52 3.70
C TYR A 179 -21.40 -5.68 3.28
N ARG A 180 -20.94 -6.89 3.62
CA ARG A 180 -21.67 -8.11 3.29
C ARG A 180 -23.01 -8.11 4.00
N ASP A 181 -23.03 -7.73 5.28
CA ASP A 181 -24.30 -7.63 6.02
C ASP A 181 -25.23 -6.65 5.33
N ILE A 182 -24.69 -5.53 4.85
CA ILE A 182 -25.50 -4.48 4.24
C ILE A 182 -26.15 -4.92 2.92
N VAL A 183 -25.36 -5.54 2.06
CA VAL A 183 -25.86 -5.79 0.73
C VAL A 183 -26.66 -7.08 0.71
N THR A 184 -26.53 -7.93 1.73
CA THR A 184 -27.40 -9.11 1.87
C THR A 184 -28.66 -8.79 2.67
N ASP A 185 -28.88 -7.51 2.95
CA ASP A 185 -30.09 -6.97 3.58
C ASP A 185 -30.08 -7.18 5.09
N ASN A 186 -31.08 -6.63 5.80
CA ASN A 186 -32.07 -5.77 5.19
C ASN A 186 -31.62 -4.32 5.12
N ALA A 187 -32.14 -3.64 4.13
CA ALA A 187 -32.04 -2.21 4.02
C ALA A 187 -33.30 -1.80 3.23
N ASP A 188 -34.21 -0.99 3.79
CA ASP A 188 -34.06 -0.22 5.06
C ASP A 188 -32.71 0.52 4.98
N ASP A 189 -31.75 0.38 5.90
CA ASP A 189 -31.90 0.24 7.34
C ASP A 189 -30.76 1.05 7.97
N TYR A 190 -29.66 1.24 7.22
CA TYR A 190 -28.38 1.62 7.81
C TYR A 190 -28.24 3.12 7.76
N ARG A 191 -28.05 3.74 8.91
CA ARG A 191 -27.98 5.17 9.06
C ARG A 191 -26.59 5.60 9.34
N PHE A 192 -26.20 6.74 8.81
CA PHE A 192 -24.94 7.36 9.15
C PHE A 192 -24.96 7.94 10.55
N ALA A 193 -23.80 8.15 11.10
CA ALA A 193 -23.71 8.72 12.43
C ALA A 193 -24.46 10.05 12.51
N GLN A 194 -25.07 10.31 13.67
CA GLN A 194 -25.57 11.65 13.94
C GLN A 194 -24.54 12.42 14.78
N TRP A 195 -24.76 13.72 14.93
CA TRP A 195 -23.67 14.62 15.32
C TRP A 195 -23.84 15.50 16.57
N GLN A 196 -25.01 15.48 17.19
CA GLN A 196 -25.26 16.26 18.43
C GLN A 196 -24.68 15.56 19.67
N SER B 39 -26.46 -16.48 -0.68
CA SER B 39 -26.95 -15.42 -1.62
C SER B 39 -26.49 -15.60 -3.06
N GLN B 40 -27.45 -15.47 -3.98
CA GLN B 40 -27.27 -14.84 -5.30
C GLN B 40 -25.94 -15.02 -6.08
N LYS B 41 -26.06 -15.08 -7.40
CA LYS B 41 -24.92 -15.31 -8.29
C LYS B 41 -24.22 -13.99 -8.70
N SER B 42 -24.97 -12.89 -8.74
CA SER B 42 -24.34 -11.59 -8.83
C SER B 42 -23.58 -11.29 -7.52
N PHE B 43 -24.03 -11.80 -6.35
CA PHE B 43 -23.25 -11.62 -5.11
C PHE B 43 -21.90 -12.34 -5.29
N VAL B 44 -21.89 -13.51 -5.91
CA VAL B 44 -20.61 -14.20 -6.08
C VAL B 44 -19.69 -13.39 -6.97
N VAL B 45 -20.21 -12.80 -8.06
CA VAL B 45 -19.43 -12.05 -8.95
C VAL B 45 -18.94 -10.73 -8.34
N SER B 46 -19.85 -10.01 -7.68
CA SER B 46 -19.41 -8.79 -7.03
C SER B 46 -18.43 -9.00 -5.92
N ASN B 47 -18.64 -10.05 -5.12
CA ASN B 47 -17.69 -10.41 -4.11
C ASN B 47 -16.30 -10.70 -4.71
N GLN B 48 -16.28 -11.36 -5.85
CA GLN B 48 -15.03 -11.73 -6.52
C GLN B 48 -14.26 -10.51 -6.89
N LEU B 49 -14.93 -9.51 -7.49
CA LEU B 49 -14.23 -8.27 -7.79
C LEU B 49 -13.62 -7.59 -6.56
N ARG B 50 -14.33 -7.55 -5.47
CA ARG B 50 -13.77 -6.96 -4.24
C ARG B 50 -12.59 -7.76 -3.68
N GLU B 51 -12.69 -9.09 -3.73
CA GLU B 51 -11.61 -9.90 -3.25
C GLU B 51 -10.40 -9.76 -4.17
N GLN B 52 -10.58 -9.69 -5.48
CA GLN B 52 -9.48 -9.54 -6.38
C GLN B 52 -8.77 -8.21 -6.07
N GLN B 53 -9.58 -7.17 -5.86
CA GLN B 53 -8.96 -5.88 -5.53
C GLN B 53 -8.21 -5.94 -4.22
N GLY B 54 -8.74 -6.65 -3.24
CA GLY B 54 -8.17 -6.81 -1.92
C GLY B 54 -6.84 -7.53 -2.02
N GLU B 55 -6.76 -8.57 -2.84
CA GLU B 55 -5.46 -9.26 -3.01
C GLU B 55 -4.44 -8.43 -3.74
N LEU B 56 -4.84 -7.60 -4.72
CA LEU B 56 -3.89 -6.76 -5.38
C LEU B 56 -3.41 -5.67 -4.42
N THR B 57 -4.32 -5.11 -3.64
CA THR B 57 -3.94 -4.11 -2.62
C THR B 57 -2.89 -4.72 -1.71
N SER B 58 -3.11 -5.96 -1.26
CA SER B 58 -2.16 -6.60 -0.34
C SER B 58 -0.82 -6.79 -1.04
N THR B 59 -0.86 -7.25 -2.31
CA THR B 59 0.36 -7.40 -3.09
C THR B 59 1.19 -6.09 -3.16
N TRP B 60 0.52 -5.02 -3.53
CA TRP B 60 1.17 -3.75 -3.68
C TRP B 60 1.74 -3.30 -2.35
N ASP B 61 0.95 -3.33 -1.30
CA ASP B 61 1.40 -2.96 0.08
C ASP B 61 2.69 -3.71 0.47
N LEU B 62 2.69 -5.03 0.24
CA LEU B 62 3.83 -5.88 0.62
C LEU B 62 5.04 -5.66 -0.28
N MET B 63 4.82 -5.30 -1.54
CA MET B 63 5.97 -4.87 -2.41
C MET B 63 6.58 -3.56 -1.88
N LEU B 64 5.70 -2.61 -1.48
CA LEU B 64 6.25 -1.39 -0.83
C LEU B 64 7.00 -1.67 0.47
N GLN B 65 6.48 -2.56 1.31
CA GLN B 65 7.20 -2.96 2.51
C GLN B 65 8.53 -3.61 2.16
N THR B 66 8.56 -4.43 1.08
CA THR B 66 9.83 -5.01 0.61
C THR B 66 10.83 -3.87 0.24
N ARG B 67 10.39 -2.86 -0.50
CA ARG B 67 11.24 -1.73 -0.89
C ARG B 67 11.81 -1.04 0.37
N ILE B 68 10.94 -0.76 1.32
CA ILE B 68 11.35 -0.17 2.63
C ILE B 68 12.39 -1.03 3.31
N ASN B 69 12.15 -2.34 3.41
CA ASN B 69 13.09 -3.20 4.09
C ASN B 69 14.44 -3.24 3.39
N LEU B 70 14.42 -3.27 2.07
CA LEU B 70 15.67 -3.27 1.28
C LEU B 70 16.42 -1.96 1.50
N SER B 71 15.73 -0.85 1.50
CA SER B 71 16.38 0.45 1.68
C SER B 71 16.96 0.59 3.09
N ARG B 72 16.27 0.05 4.08
CA ARG B 72 16.75 0.00 5.45
C ARG B 72 17.98 -0.85 5.57
N SER B 73 17.98 -1.99 4.87
CA SER B 73 19.18 -2.82 4.79
C SER B 73 20.35 -2.07 4.15
N ALA B 74 20.08 -1.36 3.06
CA ALA B 74 21.17 -0.66 2.33
C ALA B 74 21.78 0.42 3.13
N VAL B 75 20.97 1.17 3.83
CA VAL B 75 21.53 2.22 4.61
C VAL B 75 22.41 1.63 5.72
N ARG B 76 22.02 0.51 6.30
CA ARG B 76 22.95 -0.18 7.22
C ARG B 76 24.26 -0.66 6.69
N MET B 77 24.26 -1.07 5.42
CA MET B 77 25.47 -1.48 4.81
C MET B 77 26.32 -0.27 4.45
N MET B 78 25.75 0.92 4.43
CA MET B 78 26.53 2.13 4.13
C MET B 78 27.11 2.79 5.39
N MET B 79 27.04 2.10 6.52
CA MET B 79 27.57 2.64 7.77
C MET B 79 28.86 1.95 8.14
N ASP B 80 29.62 2.55 9.06
CA ASP B 80 30.80 1.90 9.63
C ASP B 80 30.39 0.51 10.14
N SER B 81 31.09 -0.54 9.71
CA SER B 81 30.57 -1.91 9.83
C SER B 81 30.92 -2.64 11.15
N SER B 82 30.21 -3.76 11.37
CA SER B 82 30.13 -4.50 12.65
C SER B 82 30.08 -3.62 13.89
N ASN B 83 29.94 -4.24 15.07
CA ASN B 83 29.55 -3.52 16.29
C ASN B 83 28.14 -2.95 16.02
N GLN B 84 28.07 -1.83 15.28
CA GLN B 84 26.80 -1.36 14.73
C GLN B 84 26.47 -2.17 13.45
N GLN B 85 25.31 -2.82 13.47
CA GLN B 85 24.78 -3.56 12.31
C GLN B 85 25.64 -4.81 11.98
N SER B 86 25.66 -5.19 10.70
CA SER B 86 26.45 -6.33 10.18
C SER B 86 25.86 -7.63 10.75
N ASN B 87 24.54 -7.66 10.71
CA ASN B 87 23.72 -8.41 11.66
C ASN B 87 22.33 -7.83 11.51
N ALA B 88 22.18 -6.54 11.87
CA ALA B 88 20.97 -5.80 11.51
C ALA B 88 20.78 -5.87 9.99
N LYS B 89 21.84 -5.64 9.22
CA LYS B 89 21.65 -5.62 7.75
C LYS B 89 21.13 -6.97 7.29
N VAL B 90 21.53 -8.03 7.94
CA VAL B 90 21.01 -9.32 7.60
C VAL B 90 19.53 -9.56 7.99
N GLU B 91 19.18 -9.19 9.22
CA GLU B 91 17.81 -9.30 9.69
C GLU B 91 16.87 -8.48 8.77
N LEU B 92 17.34 -7.31 8.31
CA LEU B 92 16.48 -6.45 7.45
C LEU B 92 16.34 -7.04 6.08
N LEU B 93 17.40 -7.65 5.57
CA LEU B 93 17.30 -8.29 4.28
C LEU B 93 16.37 -9.48 4.39
N ASP B 94 16.47 -10.23 5.48
CA ASP B 94 15.49 -11.29 5.72
C ASP B 94 14.05 -10.83 5.84
N SER B 95 13.83 -9.68 6.46
CA SER B 95 12.48 -9.07 6.46
C SER B 95 12.00 -8.76 5.04
N ALA B 96 12.91 -8.33 4.17
CA ALA B 96 12.55 -8.07 2.73
C ALA B 96 12.15 -9.33 2.02
N ARG B 97 12.89 -10.42 2.27
CA ARG B 97 12.56 -11.72 1.70
C ARG B 97 11.15 -12.14 2.13
N LYS B 98 10.85 -11.97 3.41
CA LYS B 98 9.58 -12.32 3.94
C LYS B 98 8.38 -11.54 3.37
N THR B 99 8.53 -10.24 3.26
CA THR B 99 7.45 -9.41 2.69
C THR B 99 7.33 -9.70 1.24
N LEU B 100 8.45 -9.94 0.55
CA LEU B 100 8.31 -10.22 -0.88
C LEU B 100 7.61 -11.59 -1.11
N ALA B 101 7.92 -12.58 -0.29
CA ALA B 101 7.22 -13.89 -0.42
C ALA B 101 5.74 -13.76 -0.12
N GLN B 102 5.42 -12.91 0.88
CA GLN B 102 4.01 -12.63 1.21
C GLN B 102 3.30 -11.95 0.04
N ALA B 103 4.00 -11.00 -0.62
CA ALA B 103 3.45 -10.29 -1.79
C ALA B 103 3.11 -11.34 -2.88
N ALA B 104 4.05 -12.26 -3.10
CA ALA B 104 3.90 -13.24 -4.17
C ALA B 104 2.75 -14.13 -3.83
N THR B 105 2.57 -14.44 -2.55
CA THR B 105 1.41 -15.27 -2.10
C THR B 105 0.08 -14.59 -2.41
N HIS B 106 -0.08 -13.32 -2.04
CA HIS B 106 -1.25 -12.55 -2.39
C HIS B 106 -1.48 -12.49 -3.87
N TYR B 107 -0.42 -12.32 -4.67
CA TYR B 107 -0.55 -12.29 -6.09
C TYR B 107 -1.05 -13.65 -6.65
N LYS B 108 -0.52 -14.74 -6.11
CA LYS B 108 -1.04 -16.07 -6.44
C LYS B 108 -2.52 -16.23 -6.08
N LYS B 109 -2.96 -15.70 -4.94
CA LYS B 109 -4.35 -15.71 -4.61
C LYS B 109 -5.18 -14.88 -5.60
N PHE B 110 -4.64 -13.73 -5.97
CA PHE B 110 -5.22 -12.93 -7.08
C PHE B 110 -5.45 -13.72 -8.34
N LYS B 111 -4.44 -14.46 -8.76
CA LYS B 111 -4.48 -15.27 -10.01
C LYS B 111 -5.41 -16.47 -9.87
N SER B 112 -5.64 -16.92 -8.62
CA SER B 112 -6.56 -18.03 -8.35
C SER B 112 -8.03 -17.70 -8.61
N MET B 113 -8.35 -16.40 -8.64
CA MET B 113 -9.74 -15.95 -8.94
C MET B 113 -9.93 -15.61 -10.39
N ALA B 114 -10.78 -16.37 -11.07
CA ALA B 114 -10.99 -16.19 -12.47
C ALA B 114 -11.44 -14.75 -12.75
N PRO B 115 -10.84 -14.12 -13.76
CA PRO B 115 -11.29 -12.77 -14.07
C PRO B 115 -12.65 -12.71 -14.71
N LEU B 116 -13.33 -11.60 -14.54
CA LEU B 116 -14.44 -11.27 -15.46
C LEU B 116 -13.88 -10.94 -16.84
N PRO B 117 -14.51 -11.38 -17.95
CA PRO B 117 -13.90 -11.13 -19.26
C PRO B 117 -13.50 -9.68 -19.55
N GLU B 118 -14.26 -8.72 -19.04
CA GLU B 118 -13.96 -7.29 -19.19
C GLU B 118 -12.73 -6.87 -18.41
N MET B 119 -12.25 -7.76 -17.53
CA MET B 119 -11.08 -7.44 -16.67
C MET B 119 -9.82 -8.16 -17.16
N VAL B 120 -9.93 -9.00 -18.19
CA VAL B 120 -8.80 -9.79 -18.62
C VAL B 120 -7.62 -8.90 -19.08
N ALA B 121 -7.92 -7.89 -19.93
CA ALA B 121 -6.85 -7.01 -20.46
C ALA B 121 -6.13 -6.29 -19.32
N THR B 122 -6.86 -5.67 -18.42
CA THR B 122 -6.18 -4.90 -17.34
C THR B 122 -5.46 -5.90 -16.37
N SER B 123 -6.04 -7.09 -16.20
CA SER B 123 -5.35 -8.15 -15.42
C SER B 123 -4.00 -8.56 -16.05
N ARG B 124 -3.92 -8.63 -17.36
CA ARG B 124 -2.67 -8.99 -18.01
C ARG B 124 -1.64 -7.86 -17.88
N ASN B 125 -2.13 -6.64 -17.91
CA ASN B 125 -1.23 -5.47 -17.76
C ASN B 125 -0.62 -5.45 -16.34
N ILE B 126 -1.46 -5.74 -15.37
CA ILE B 126 -1.01 -5.98 -13.94
C ILE B 126 0.09 -7.04 -13.93
N ASP B 127 -0.11 -8.14 -14.65
CA ASP B 127 0.84 -9.20 -14.65
C ASP B 127 2.19 -8.77 -15.19
N GLU B 128 2.20 -7.99 -16.27
CA GLU B 128 3.40 -7.59 -16.92
C GLU B 128 4.18 -6.72 -15.93
N LYS B 129 3.49 -5.74 -15.33
CA LYS B 129 4.21 -4.79 -14.45
C LYS B 129 4.64 -5.47 -13.12
N TYR B 130 3.79 -6.33 -12.58
CA TYR B 130 4.13 -7.10 -11.39
C TYR B 130 5.35 -7.95 -11.62
N LYS B 131 5.44 -8.70 -12.74
CA LYS B 131 6.61 -9.54 -12.93
C LYS B 131 7.87 -8.73 -13.03
N ASN B 132 7.82 -7.55 -13.69
CA ASN B 132 8.99 -6.70 -13.78
C ASN B 132 9.46 -6.15 -12.40
N TYR B 133 8.50 -5.70 -11.63
CA TYR B 133 8.84 -5.15 -10.28
C TYR B 133 9.23 -6.25 -9.32
N TYR B 134 8.57 -7.39 -9.38
CA TYR B 134 8.91 -8.52 -8.54
C TYR B 134 10.33 -8.98 -8.84
N THR B 135 10.68 -9.14 -10.14
CA THR B 135 12.02 -9.46 -10.53
C THR B 135 13.02 -8.37 -10.11
N ALA B 136 12.62 -7.12 -10.18
CA ALA B 136 13.52 -6.06 -9.72
C ALA B 136 13.86 -6.17 -8.26
N LEU B 137 12.85 -6.46 -7.45
CA LEU B 137 13.06 -6.56 -6.01
C LEU B 137 13.86 -7.82 -5.66
N THR B 138 13.64 -8.94 -6.39
CA THR B 138 14.46 -10.10 -6.13
C THR B 138 15.92 -9.80 -6.48
N GLU B 139 16.20 -9.01 -7.50
CA GLU B 139 17.62 -8.69 -7.90
C GLU B 139 18.22 -7.79 -6.83
N LEU B 140 17.46 -6.81 -6.37
CA LEU B 140 17.94 -6.00 -5.22
C LEU B 140 18.32 -6.83 -4.03
N ILE B 141 17.52 -7.81 -3.63
CA ILE B 141 17.80 -8.67 -2.50
C ILE B 141 19.18 -9.31 -2.73
N ASP B 142 19.31 -9.87 -3.90
CA ASP B 142 20.60 -10.45 -4.31
C ASP B 142 21.77 -9.51 -4.28
N TYR B 143 21.62 -8.29 -4.78
CA TYR B 143 22.72 -7.32 -4.81
C TYR B 143 23.17 -7.05 -3.35
N LEU B 144 22.20 -6.80 -2.49
CA LEU B 144 22.55 -6.57 -1.05
C LEU B 144 23.08 -7.77 -0.31
N ASP B 145 22.62 -8.98 -0.61
CA ASP B 145 23.04 -10.19 0.02
C ASP B 145 24.60 -10.37 -0.21
N TYR B 146 25.10 -9.90 -1.35
CA TYR B 146 26.58 -10.02 -1.67
C TYR B 146 27.35 -8.71 -1.54
N GLY B 147 26.71 -7.71 -0.92
CA GLY B 147 27.38 -6.48 -0.57
C GLY B 147 27.51 -5.55 -1.67
N ASN B 148 26.74 -5.75 -2.75
CA ASN B 148 26.85 -4.94 -3.89
C ASN B 148 25.91 -3.79 -3.94
N THR B 149 26.25 -2.74 -3.16
CA THR B 149 25.44 -1.54 -3.11
C THR B 149 25.50 -0.81 -4.44
N GLY B 150 26.59 -0.92 -5.20
CA GLY B 150 26.64 -0.20 -6.46
C GLY B 150 25.58 -0.62 -7.48
N ALA B 151 25.45 -1.89 -7.60
CA ALA B 151 24.46 -2.54 -8.50
C ALA B 151 23.01 -2.30 -7.97
N TYR B 152 22.87 -2.34 -6.64
CA TYR B 152 21.58 -1.84 -6.01
C TYR B 152 21.19 -0.43 -6.44
N PHE B 153 22.13 0.53 -6.32
CA PHE B 153 21.79 1.88 -6.66
C PHE B 153 21.54 2.05 -8.15
N ALA B 154 22.27 1.29 -8.95
CA ALA B 154 22.19 1.33 -10.41
C ALA B 154 20.87 0.90 -11.00
N GLN B 155 20.14 0.00 -10.33
CA GLN B 155 18.89 -0.41 -10.90
C GLN B 155 17.88 0.77 -10.93
N PRO B 156 17.14 0.93 -12.04
CA PRO B 156 16.10 1.92 -12.14
C PRO B 156 14.80 1.42 -11.47
N THR B 157 14.90 1.19 -10.17
CA THR B 157 13.81 0.57 -9.40
C THR B 157 12.61 1.43 -9.33
N GLN B 158 12.82 2.73 -9.08
CA GLN B 158 11.70 3.62 -8.97
C GLN B 158 10.76 3.59 -10.18
N GLY B 159 11.33 3.55 -11.38
CA GLY B 159 10.52 3.47 -12.62
C GLY B 159 9.63 2.25 -12.70
N MET B 160 10.13 1.16 -12.26
CA MET B 160 9.35 -0.09 -12.22
C MET B 160 8.30 -0.08 -11.13
N GLN B 161 8.64 0.49 -9.96
CA GLN B 161 7.63 0.72 -8.94
C GLN B 161 6.52 1.63 -9.41
N ASN B 162 6.86 2.77 -10.05
CA ASN B 162 5.87 3.65 -10.56
C ASN B 162 4.99 2.98 -11.60
N ALA B 163 5.58 2.16 -12.46
CA ALA B 163 4.78 1.53 -13.51
C ALA B 163 3.77 0.56 -12.93
N MET B 164 4.20 -0.17 -11.91
CA MET B 164 3.25 -1.04 -11.17
C MET B 164 2.17 -0.26 -10.49
N GLY B 165 2.51 0.88 -9.88
CA GLY B 165 1.57 1.64 -9.21
C GLY B 165 0.50 2.12 -10.15
N GLU B 166 0.94 2.60 -11.32
CA GLU B 166 0.01 3.08 -12.33
C GLU B 166 -0.89 1.95 -12.88
N ALA B 167 -0.29 0.80 -13.17
CA ALA B 167 -1.11 -0.37 -13.51
C ALA B 167 -2.13 -0.71 -12.46
N PHE B 168 -1.77 -0.67 -11.16
CA PHE B 168 -2.66 -0.99 -10.06
C PHE B 168 -3.78 0.04 -10.03
N ALA B 169 -3.44 1.29 -10.30
CA ALA B 169 -4.48 2.32 -10.39
C ALA B 169 -5.42 2.09 -11.58
N GLN B 170 -4.94 1.76 -12.74
CA GLN B 170 -5.82 1.53 -13.87
C GLN B 170 -6.73 0.32 -13.58
N TYR B 171 -6.16 -0.71 -12.95
CA TYR B 171 -6.98 -1.85 -12.55
C TYR B 171 -8.09 -1.47 -11.66
N ALA B 172 -7.80 -0.69 -10.62
CA ALA B 172 -8.81 -0.28 -9.70
C ALA B 172 -9.88 0.59 -10.37
N LEU B 173 -9.52 1.41 -11.34
CA LEU B 173 -10.54 2.18 -12.12
C LEU B 173 -11.48 1.29 -12.91
N SER B 174 -10.91 0.37 -13.68
CA SER B 174 -11.73 -0.55 -14.40
C SER B 174 -12.59 -1.45 -13.50
N SER B 175 -12.03 -1.93 -12.39
CA SER B 175 -12.80 -2.78 -11.50
C SER B 175 -14.00 -2.04 -10.93
N GLU B 176 -13.77 -0.85 -10.38
CA GLU B 176 -14.82 -0.02 -9.79
C GLU B 176 -15.92 0.30 -10.78
N LYS B 177 -15.57 0.59 -12.02
CA LYS B 177 -16.62 0.90 -13.01
C LYS B 177 -17.45 -0.34 -13.40
N LEU B 178 -16.80 -1.48 -13.54
CA LEU B 178 -17.55 -2.75 -13.70
C LEU B 178 -18.40 -3.11 -12.51
N TYR B 179 -17.86 -2.90 -11.33
CA TYR B 179 -18.56 -3.22 -10.14
C TYR B 179 -19.92 -2.50 -10.07
N ARG B 180 -19.85 -1.22 -10.40
CA ARG B 180 -21.05 -0.37 -10.44
C ARG B 180 -22.06 -0.93 -11.39
N ASP B 181 -21.60 -1.31 -12.57
CA ASP B 181 -22.50 -1.93 -13.55
C ASP B 181 -23.14 -3.19 -12.98
N ILE B 182 -22.37 -4.06 -12.37
CA ILE B 182 -22.89 -5.29 -11.85
C ILE B 182 -24.00 -5.07 -10.84
N VAL B 183 -23.74 -4.29 -9.80
CA VAL B 183 -24.63 -4.25 -8.67
C VAL B 183 -25.84 -3.36 -8.92
N THR B 184 -25.76 -2.50 -9.93
CA THR B 184 -26.94 -1.74 -10.40
C THR B 184 -27.55 -2.38 -11.68
N ASP B 185 -27.24 -3.66 -11.91
CA ASP B 185 -27.63 -4.38 -13.13
C ASP B 185 -27.22 -3.80 -14.50
N ASN B 186 -26.51 -2.68 -14.51
CA ASN B 186 -26.16 -1.96 -15.75
C ASN B 186 -25.26 -2.73 -16.75
N ALA B 187 -24.66 -3.83 -16.29
CA ALA B 187 -24.02 -4.85 -17.16
C ALA B 187 -23.28 -5.89 -16.30
N ASP B 188 -24.03 -6.58 -15.44
CA ASP B 188 -23.62 -7.82 -14.77
C ASP B 188 -22.51 -8.57 -15.54
N ASP B 189 -22.84 -9.02 -16.76
CA ASP B 189 -21.96 -9.79 -17.68
C ASP B 189 -22.59 -11.19 -17.99
N TYR B 190 -22.70 -12.10 -17.01
CA TYR B 190 -22.16 -11.96 -15.64
C TYR B 190 -21.37 -13.23 -15.38
N ARG B 191 -20.64 -13.67 -16.40
CA ARG B 191 -19.95 -14.97 -16.41
C ARG B 191 -18.49 -14.73 -16.11
N PHE B 192 -17.83 -15.62 -15.39
CA PHE B 192 -16.39 -15.63 -15.30
C PHE B 192 -15.75 -16.05 -16.64
N ALA B 193 -14.53 -15.63 -16.88
CA ALA B 193 -13.75 -16.23 -17.97
C ALA B 193 -13.64 -17.72 -17.72
N GLN B 194 -13.74 -18.46 -18.82
CA GLN B 194 -13.69 -19.91 -18.74
C GLN B 194 -13.36 -20.49 -20.09
N TRP B 195 -12.75 -21.68 -20.12
CA TRP B 195 -12.35 -22.34 -21.38
C TRP B 195 -13.40 -23.42 -21.67
N GLN B 196 -14.55 -22.98 -22.16
CA GLN B 196 -15.63 -23.90 -22.56
C GLN B 196 -15.38 -24.37 -24.00
#